data_1KDN
#
_entry.id   1KDN
#
_cell.length_a   71.354
_cell.length_b   71.354
_cell.length_c   153.494
_cell.angle_alpha   90.00
_cell.angle_beta   90.00
_cell.angle_gamma   120.00
#
_symmetry.space_group_name_H-M   'P 31 2 1'
#
loop_
_entity.id
_entity.type
_entity.pdbx_description
1 polymer 'NUCLEOSIDE DIPHOSPHATE KINASE'
2 non-polymer 'MAGNESIUM ION'
3 non-polymer 'ALUMINUM FLUORIDE'
4 non-polymer "ADENOSINE-5'-DIPHOSPHATE"
5 water water
#
_entity_poly.entity_id   1
_entity_poly.type   'polypeptide(L)'
_entity_poly.pdbx_seq_one_letter_code
;MSTNKVNKERTFLAVKPDGVARGLVGEIIARYEKKGFVLVGLKQLVPTKDLAESHYAEHKERPFFGGLVSFITSGPVVAM
VFEGKGVVASARLMIGVTNPLASAPGSIRGDFGVDVGRNIIHGSDSVESANREIALWFKPEELLTEVKPNPNLYE
;
_entity_poly.pdbx_strand_id   A,B,C
#
# COMPACT_ATOMS: atom_id res chain seq x y z
N VAL A 6 9.29 19.28 18.26
CA VAL A 6 7.85 19.05 18.47
C VAL A 6 7.16 18.71 17.11
N ASN A 7 5.84 18.79 17.10
CA ASN A 7 5.03 18.46 15.94
C ASN A 7 4.66 19.65 15.04
N LYS A 8 5.52 20.67 15.00
CA LYS A 8 5.32 21.88 14.20
C LYS A 8 6.15 21.86 12.93
N GLU A 9 6.83 20.76 12.63
CA GLU A 9 7.63 20.68 11.43
C GLU A 9 6.73 20.81 10.21
N ARG A 10 7.20 21.46 9.15
CA ARG A 10 6.37 21.60 7.97
C ARG A 10 7.08 21.15 6.69
N THR A 11 6.31 20.80 5.67
CA THR A 11 6.93 20.40 4.41
C THR A 11 6.16 21.00 3.27
N PHE A 12 6.79 21.15 2.11
CA PHE A 12 6.11 21.69 0.95
C PHE A 12 5.90 20.53 -0.02
N LEU A 13 4.68 20.37 -0.53
CA LEU A 13 4.39 19.29 -1.46
C LEU A 13 3.72 19.96 -2.64
N ALA A 14 3.93 19.45 -3.84
CA ALA A 14 3.27 20.07 -4.96
C ALA A 14 2.78 18.99 -5.92
N VAL A 15 1.51 19.01 -6.26
CA VAL A 15 0.98 18.06 -7.24
C VAL A 15 1.35 18.72 -8.57
N LYS A 16 2.22 18.06 -9.33
CA LYS A 16 2.71 18.57 -10.61
C LYS A 16 1.61 18.60 -11.65
N PRO A 17 1.86 19.27 -12.77
CA PRO A 17 0.80 19.32 -13.77
C PRO A 17 0.22 17.98 -14.26
N ASP A 18 1.02 16.91 -14.22
CA ASP A 18 0.53 15.61 -14.65
C ASP A 18 -0.45 15.06 -13.63
N GLY A 19 -0.13 15.21 -12.36
CA GLY A 19 -0.99 14.77 -11.28
C GLY A 19 -2.31 15.52 -11.29
N VAL A 20 -2.27 16.82 -11.58
CA VAL A 20 -3.49 17.61 -11.68
C VAL A 20 -4.33 17.17 -12.88
N ALA A 21 -3.71 17.03 -14.04
CA ALA A 21 -4.45 16.60 -15.26
C ALA A 21 -5.01 15.19 -15.15
N ARG A 22 -4.33 14.36 -14.40
CA ARG A 22 -4.80 13.01 -14.26
C ARG A 22 -5.88 12.88 -13.15
N GLY A 23 -6.27 14.00 -12.53
CA GLY A 23 -7.26 13.97 -11.47
C GLY A 23 -6.81 13.25 -10.21
N LEU A 24 -5.59 13.50 -9.74
CA LEU A 24 -5.06 12.83 -8.54
C LEU A 24 -4.90 13.74 -7.33
N VAL A 25 -5.36 14.99 -7.44
CA VAL A 25 -5.20 15.94 -6.32
C VAL A 25 -5.84 15.47 -5.02
N GLY A 26 -7.10 15.08 -5.08
CA GLY A 26 -7.77 14.67 -3.85
C GLY A 26 -7.24 13.40 -3.27
N GLU A 27 -6.83 12.47 -4.13
CA GLU A 27 -6.29 11.20 -3.70
C GLU A 27 -5.03 11.49 -2.90
N ILE A 28 -4.20 12.38 -3.42
CA ILE A 28 -2.96 12.74 -2.75
C ILE A 28 -3.20 13.47 -1.43
N ILE A 29 -4.07 14.46 -1.44
CA ILE A 29 -4.37 15.17 -0.23
C ILE A 29 -4.91 14.23 0.86
N ALA A 30 -5.85 13.34 0.50
CA ALA A 30 -6.47 12.40 1.43
C ALA A 30 -5.46 11.49 2.06
N ARG A 31 -4.38 11.14 1.33
CA ARG A 31 -3.38 10.28 1.91
C ARG A 31 -2.69 10.92 3.06
N TYR A 32 -2.43 12.22 2.95
CA TYR A 32 -1.76 12.93 4.02
C TYR A 32 -2.71 13.28 5.17
N GLU A 33 -3.98 13.54 4.86
CA GLU A 33 -4.98 13.82 5.92
C GLU A 33 -5.20 12.56 6.77
N LYS A 34 -5.27 11.39 6.13
CA LYS A 34 -5.49 10.14 6.85
C LYS A 34 -4.32 9.78 7.77
N LYS A 35 -3.12 10.18 7.38
CA LYS A 35 -1.88 9.96 8.11
C LYS A 35 -1.92 10.76 9.39
N GLY A 36 -2.61 11.89 9.36
CA GLY A 36 -2.70 12.74 10.54
C GLY A 36 -2.00 14.09 10.38
N PHE A 37 -1.45 14.40 9.20
CA PHE A 37 -0.81 15.68 8.97
C PHE A 37 -1.84 16.80 8.72
N VAL A 38 -1.54 18.01 9.17
CA VAL A 38 -2.46 19.14 9.00
C VAL A 38 -2.09 20.08 7.87
N LEU A 39 -3.08 20.43 7.05
CA LEU A 39 -2.90 21.31 5.91
C LEU A 39 -2.80 22.75 6.42
N VAL A 40 -1.66 23.43 6.21
CA VAL A 40 -1.57 24.80 6.69
C VAL A 40 -1.52 25.78 5.53
N GLY A 41 -1.40 25.28 4.33
CA GLY A 41 -1.40 26.13 3.16
C GLY A 41 -1.89 25.35 1.95
N LEU A 42 -2.66 25.96 1.07
CA LEU A 42 -3.14 25.24 -0.10
C LEU A 42 -3.57 26.21 -1.16
N LYS A 43 -3.06 26.03 -2.38
CA LYS A 43 -3.47 26.85 -3.51
C LYS A 43 -3.14 26.21 -4.82
N GLN A 44 -3.85 26.63 -5.86
CA GLN A 44 -3.60 26.17 -7.21
C GLN A 44 -3.09 27.39 -7.97
N LEU A 45 -2.01 27.23 -8.74
CA LEU A 45 -1.44 28.32 -9.52
C LEU A 45 -0.70 27.71 -10.71
N VAL A 46 -0.43 28.49 -11.77
CA VAL A 46 0.35 28.00 -12.93
C VAL A 46 1.72 28.62 -12.61
N PRO A 47 2.72 27.80 -12.23
CA PRO A 47 4.02 28.39 -11.90
C PRO A 47 4.61 29.22 -13.03
N THR A 48 5.36 30.22 -12.63
CA THR A 48 5.99 31.13 -13.56
C THR A 48 7.40 30.51 -13.84
N LYS A 49 8.07 30.86 -14.94
CA LYS A 49 9.42 30.32 -15.24
C LYS A 49 10.45 30.65 -14.15
N ASP A 50 10.35 31.82 -13.51
CA ASP A 50 11.26 32.22 -12.41
C ASP A 50 11.08 31.33 -11.19
N LEU A 51 9.83 31.07 -10.84
CA LEU A 51 9.48 30.23 -9.69
C LEU A 51 10.01 28.82 -9.96
N ALA A 52 9.66 28.28 -11.12
CA ALA A 52 10.08 26.95 -11.53
C ALA A 52 11.63 26.82 -11.42
N GLU A 53 12.36 27.79 -11.99
CA GLU A 53 13.81 27.74 -11.94
C GLU A 53 14.41 27.90 -10.58
N SER A 54 13.77 28.66 -9.69
CA SER A 54 14.29 28.85 -8.32
C SER A 54 13.98 27.63 -7.49
N HIS A 55 12.78 27.10 -7.69
CA HIS A 55 12.34 25.91 -6.98
C HIS A 55 13.31 24.78 -7.27
N TYR A 56 13.63 24.60 -8.54
CA TYR A 56 14.56 23.53 -8.96
C TYR A 56 15.97 24.05 -9.24
N ALA A 57 16.41 25.07 -8.50
CA ALA A 57 17.74 25.67 -8.72
C ALA A 57 18.93 24.70 -8.59
N GLU A 58 18.82 23.72 -7.72
CA GLU A 58 19.92 22.79 -7.53
C GLU A 58 20.21 21.91 -8.75
N HIS A 59 19.29 21.88 -9.72
CA HIS A 59 19.40 21.04 -10.91
C HIS A 59 19.71 21.84 -12.16
N LYS A 60 19.99 23.14 -12.03
CA LYS A 60 20.24 24.02 -13.19
C LYS A 60 21.33 23.61 -14.16
N GLU A 61 22.21 22.73 -13.74
CA GLU A 61 23.26 22.27 -14.65
C GLU A 61 22.96 20.90 -15.29
N ARG A 62 21.94 20.23 -14.76
CA ARG A 62 21.56 18.90 -15.20
C ARG A 62 20.87 18.97 -16.55
N PRO A 63 21.15 18.00 -17.39
CA PRO A 63 20.57 17.96 -18.73
C PRO A 63 19.06 18.02 -18.82
N PHE A 64 18.37 17.61 -17.75
CA PHE A 64 16.91 17.58 -17.73
C PHE A 64 16.21 18.84 -17.22
N PHE A 65 16.98 19.80 -16.71
CA PHE A 65 16.44 21.04 -16.16
C PHE A 65 15.54 21.79 -17.14
N GLY A 66 16.04 22.03 -18.35
CA GLY A 66 15.25 22.72 -19.35
C GLY A 66 13.86 22.09 -19.46
N GLY A 67 13.80 20.77 -19.64
CA GLY A 67 12.54 20.06 -19.77
C GLY A 67 11.68 20.00 -18.51
N LEU A 68 12.33 20.09 -17.36
CA LEU A 68 11.65 20.04 -16.07
C LEU A 68 10.90 21.34 -15.89
N VAL A 69 11.65 22.42 -16.06
CA VAL A 69 11.13 23.76 -15.91
C VAL A 69 10.01 23.99 -16.95
N SER A 70 10.21 23.51 -18.16
CA SER A 70 9.22 23.64 -19.21
C SER A 70 7.92 22.90 -18.81
N PHE A 71 8.06 21.70 -18.25
CA PHE A 71 6.91 20.91 -17.83
C PHE A 71 6.20 21.49 -16.59
N ILE A 72 6.96 21.87 -15.56
CA ILE A 72 6.37 22.41 -14.35
C ILE A 72 5.58 23.69 -14.60
N THR A 73 5.87 24.39 -15.69
CA THR A 73 5.19 25.64 -16.04
C THR A 73 4.11 25.46 -17.14
N SER A 74 3.94 24.24 -17.63
CA SER A 74 2.97 23.99 -18.69
C SER A 74 1.54 23.94 -18.22
N GLY A 75 1.34 23.99 -16.91
CA GLY A 75 -0.02 23.90 -16.41
C GLY A 75 -0.12 24.16 -14.94
N PRO A 76 -1.33 24.03 -14.37
CA PRO A 76 -1.59 24.26 -12.95
C PRO A 76 -0.87 23.23 -12.11
N VAL A 77 -0.54 23.66 -10.90
CA VAL A 77 0.12 22.84 -9.92
C VAL A 77 -0.66 23.13 -8.66
N VAL A 78 -0.86 22.15 -7.77
CA VAL A 78 -1.46 22.53 -6.49
C VAL A 78 -0.40 22.39 -5.42
N ALA A 79 -0.05 23.55 -4.91
CA ALA A 79 0.97 23.72 -3.90
C ALA A 79 0.30 23.64 -2.54
N MET A 80 0.97 22.94 -1.62
CA MET A 80 0.45 22.79 -0.29
C MET A 80 1.54 22.57 0.76
N VAL A 81 1.23 22.89 2.01
CA VAL A 81 2.15 22.64 3.12
C VAL A 81 1.44 21.94 4.29
N PHE A 82 2.04 20.86 4.71
CA PHE A 82 1.52 20.05 5.79
C PHE A 82 2.43 20.18 7.00
N GLU A 83 1.83 20.09 8.18
CA GLU A 83 2.54 20.16 9.43
C GLU A 83 2.30 18.93 10.31
N GLY A 84 3.32 18.53 11.05
CA GLY A 84 3.19 17.41 11.95
C GLY A 84 4.58 16.90 12.25
N LYS A 85 4.67 15.99 13.20
CA LYS A 85 5.95 15.42 13.58
C LYS A 85 6.58 14.67 12.41
N GLY A 86 7.88 14.89 12.18
CA GLY A 86 8.62 14.23 11.11
C GLY A 86 7.97 14.27 9.74
N VAL A 87 7.19 15.30 9.46
CA VAL A 87 6.50 15.37 8.19
C VAL A 87 7.42 15.39 6.97
N VAL A 88 8.59 16.01 7.06
CA VAL A 88 9.47 16.05 5.87
C VAL A 88 9.89 14.64 5.45
N ALA A 89 10.43 13.84 6.36
CA ALA A 89 10.86 12.54 5.96
C ALA A 89 9.68 11.59 5.72
N SER A 90 8.60 11.73 6.49
CA SER A 90 7.44 10.85 6.29
C SER A 90 6.76 11.09 4.94
N ALA A 91 6.67 12.35 4.52
CA ALA A 91 6.05 12.66 3.25
C ALA A 91 6.91 12.13 2.09
N ARG A 92 8.22 12.09 2.26
CA ARG A 92 9.08 11.58 1.20
C ARG A 92 8.85 10.09 1.03
N LEU A 93 8.70 9.40 2.16
CA LEU A 93 8.43 7.98 2.23
C LEU A 93 7.08 7.65 1.55
N MET A 94 6.09 8.51 1.76
CA MET A 94 4.78 8.33 1.15
C MET A 94 4.82 8.58 -0.36
N ILE A 95 5.69 9.49 -0.81
CA ILE A 95 5.88 9.82 -2.21
C ILE A 95 6.56 8.67 -3.00
N GLY A 96 7.59 8.07 -2.40
CA GLY A 96 8.35 7.01 -3.05
C GLY A 96 9.74 7.51 -3.40
N VAL A 97 10.25 7.12 -4.55
CA VAL A 97 11.57 7.57 -4.97
C VAL A 97 11.41 8.34 -6.28
N THR A 98 12.50 8.88 -6.82
CA THR A 98 12.41 9.68 -8.03
C THR A 98 11.84 8.97 -9.23
N ASN A 99 12.26 7.74 -9.46
CA ASN A 99 11.76 6.95 -10.58
C ASN A 99 10.51 6.21 -10.08
N PRO A 100 9.34 6.51 -10.62
CA PRO A 100 8.13 5.82 -10.14
C PRO A 100 8.16 4.28 -10.29
N LEU A 101 8.83 3.78 -11.32
CA LEU A 101 8.90 2.34 -11.56
C LEU A 101 9.64 1.62 -10.45
N ALA A 102 10.49 2.36 -9.77
CA ALA A 102 11.25 1.78 -8.68
C ALA A 102 10.58 2.08 -7.36
N SER A 103 9.43 2.74 -7.35
CA SER A 103 8.75 3.04 -6.10
C SER A 103 7.84 1.91 -5.68
N ALA A 104 7.83 1.61 -4.38
CA ALA A 104 7.04 0.50 -3.83
C ALA A 104 5.55 0.69 -3.92
N PRO A 105 4.79 -0.39 -4.21
CA PRO A 105 3.35 -0.20 -4.26
C PRO A 105 2.93 0.31 -2.87
N GLY A 106 2.01 1.27 -2.84
CA GLY A 106 1.60 1.84 -1.56
C GLY A 106 2.04 3.30 -1.50
N SER A 107 3.14 3.65 -2.17
CA SER A 107 3.62 5.04 -2.21
C SER A 107 2.89 5.73 -3.34
N ILE A 108 2.92 7.04 -3.38
CA ILE A 108 2.20 7.74 -4.42
C ILE A 108 2.80 7.49 -5.81
N ARG A 109 4.10 7.65 -5.96
CA ARG A 109 4.70 7.46 -7.26
C ARG A 109 4.63 5.99 -7.66
N GLY A 110 4.70 5.11 -6.69
CA GLY A 110 4.65 3.69 -6.98
C GLY A 110 3.31 3.27 -7.50
N ASP A 111 2.27 3.85 -6.93
CA ASP A 111 0.92 3.52 -7.34
C ASP A 111 0.43 4.17 -8.61
N PHE A 112 0.96 5.32 -8.96
CA PHE A 112 0.42 6.06 -10.08
C PHE A 112 1.32 6.45 -11.24
N GLY A 113 2.64 6.37 -11.08
CA GLY A 113 3.48 6.84 -12.15
C GLY A 113 4.35 5.79 -12.82
N VAL A 114 4.86 6.18 -13.99
CA VAL A 114 5.69 5.29 -14.81
C VAL A 114 6.97 5.99 -15.37
N ASP A 115 6.95 7.30 -15.46
CA ASP A 115 8.09 7.99 -16.05
C ASP A 115 8.70 8.95 -15.05
N VAL A 116 10.03 9.02 -15.00
CA VAL A 116 10.71 9.91 -14.06
C VAL A 116 10.27 11.36 -14.30
N GLY A 117 10.07 11.70 -15.56
CA GLY A 117 9.67 13.04 -15.93
C GLY A 117 8.22 13.39 -15.65
N ARG A 118 7.41 12.39 -15.36
CA ARG A 118 5.99 12.55 -15.09
C ARG A 118 5.73 11.81 -13.80
N ASN A 119 6.35 12.27 -12.74
CA ASN A 119 6.22 11.59 -11.47
C ASN A 119 5.25 12.15 -10.49
N ILE A 120 4.28 12.89 -11.00
CA ILE A 120 3.15 13.32 -10.17
C ILE A 120 3.25 14.34 -9.05
N ILE A 121 4.24 14.23 -8.21
CA ILE A 121 4.31 15.06 -7.02
C ILE A 121 5.74 15.39 -6.64
N HIS A 122 5.91 16.52 -5.97
CA HIS A 122 7.19 16.98 -5.50
C HIS A 122 7.03 17.10 -3.99
N GLY A 123 8.05 16.70 -3.24
CA GLY A 123 8.01 16.84 -1.80
C GLY A 123 9.40 17.31 -1.40
N SER A 124 9.48 18.21 -0.42
CA SER A 124 10.78 18.73 0.05
C SER A 124 11.63 17.56 0.56
N ASP A 125 12.94 17.59 0.27
CA ASP A 125 13.79 16.51 0.74
C ASP A 125 14.46 16.70 2.09
N SER A 126 14.27 17.86 2.73
CA SER A 126 14.85 18.12 4.05
C SER A 126 14.19 19.35 4.63
N VAL A 127 14.36 19.53 5.93
CA VAL A 127 13.78 20.70 6.61
C VAL A 127 14.30 22.03 6.03
N GLU A 128 15.60 22.11 5.73
CA GLU A 128 16.18 23.32 5.14
C GLU A 128 15.52 23.59 3.79
N SER A 129 15.31 22.53 3.01
CA SER A 129 14.66 22.65 1.71
C SER A 129 13.20 23.05 1.87
N ALA A 130 12.54 22.46 2.86
CA ALA A 130 11.13 22.78 3.10
C ALA A 130 10.96 24.27 3.39
N ASN A 131 11.79 24.82 4.29
CA ASN A 131 11.76 26.26 4.64
C ASN A 131 12.00 27.14 3.44
N ARG A 132 12.89 26.71 2.58
CA ARG A 132 13.19 27.46 1.39
C ARG A 132 12.01 27.45 0.39
N GLU A 133 11.49 26.25 0.15
CA GLU A 133 10.41 26.07 -0.78
C GLU A 133 9.09 26.68 -0.29
N ILE A 134 8.83 26.60 1.02
CA ILE A 134 7.61 27.18 1.60
C ILE A 134 7.62 28.71 1.43
N ALA A 135 8.79 29.33 1.62
CA ALA A 135 8.93 30.77 1.51
C ALA A 135 8.85 31.20 0.08
N LEU A 136 9.25 30.30 -0.81
CA LEU A 136 9.24 30.60 -2.21
C LEU A 136 7.84 30.58 -2.86
N TRP A 137 6.99 29.66 -2.41
CA TRP A 137 5.65 29.48 -3.00
C TRP A 137 4.47 30.11 -2.27
N PHE A 138 4.64 30.34 -0.96
CA PHE A 138 3.61 30.89 -0.11
C PHE A 138 4.00 32.19 0.60
N LYS A 139 3.05 33.12 0.62
CA LYS A 139 3.22 34.38 1.35
C LYS A 139 2.78 34.01 2.77
N PRO A 140 3.36 34.66 3.78
CA PRO A 140 3.05 34.44 5.20
C PRO A 140 1.57 34.32 5.58
N GLU A 141 0.79 35.22 5.03
CA GLU A 141 -0.61 35.26 5.37
C GLU A 141 -1.46 34.13 4.78
N GLU A 142 -0.86 33.35 3.88
CA GLU A 142 -1.53 32.23 3.23
C GLU A 142 -1.35 30.95 4.03
N LEU A 143 -0.62 31.04 5.13
CA LEU A 143 -0.33 29.89 5.99
C LEU A 143 -1.02 30.05 7.31
N LEU A 144 -1.61 28.97 7.79
CA LEU A 144 -2.28 28.98 9.07
C LEU A 144 -1.27 29.20 10.13
N THR A 145 -1.61 30.08 11.05
CA THR A 145 -0.72 30.34 12.16
C THR A 145 -1.13 29.42 13.34
N GLU A 146 -2.44 29.20 13.52
CA GLU A 146 -2.96 28.31 14.58
C GLU A 146 -3.24 26.94 13.95
N VAL A 147 -2.54 25.89 14.37
CA VAL A 147 -2.80 24.57 13.79
C VAL A 147 -3.38 23.65 14.85
N LYS A 148 -4.37 22.86 14.47
CA LYS A 148 -5.00 21.95 15.41
C LYS A 148 -5.16 20.57 14.79
N PRO A 149 -4.30 19.62 15.19
CA PRO A 149 -4.34 18.23 14.68
C PRO A 149 -5.34 17.46 15.55
N ASN A 150 -5.94 16.40 15.01
CA ASN A 150 -6.87 15.56 15.78
C ASN A 150 -6.18 15.30 17.15
N PRO A 151 -6.92 15.38 18.25
CA PRO A 151 -6.30 15.15 19.57
C PRO A 151 -5.88 13.71 19.91
N ASN A 152 -6.14 12.79 18.99
CA ASN A 152 -5.79 11.38 19.19
C ASN A 152 -4.54 11.03 18.42
N LEU A 153 -3.89 12.04 17.84
CA LEU A 153 -2.70 11.82 17.05
C LEU A 153 -1.38 11.86 17.79
N TYR A 154 -1.34 12.73 18.79
CA TYR A 154 -0.15 12.99 19.61
C TYR A 154 -0.30 12.72 21.12
N GLU A 155 0.77 12.24 21.74
CA GLU A 155 0.82 11.93 23.16
C GLU A 155 1.00 13.24 23.91
N VAL B 6 11.83 1.82 -23.61
CA VAL B 6 10.72 2.53 -24.30
C VAL B 6 9.36 2.06 -23.80
N ASN B 7 8.39 2.94 -24.01
CA ASN B 7 7.01 2.80 -23.59
C ASN B 7 6.21 1.72 -24.31
N LYS B 8 6.90 0.78 -24.96
CA LYS B 8 6.21 -0.27 -25.70
C LYS B 8 6.35 -1.70 -25.18
N GLU B 9 7.07 -1.87 -24.07
CA GLU B 9 7.24 -3.18 -23.45
C GLU B 9 5.84 -3.72 -23.02
N ARG B 10 5.69 -5.05 -23.00
CA ARG B 10 4.42 -5.69 -22.65
C ARG B 10 4.64 -6.85 -21.73
N THR B 11 3.67 -7.12 -20.88
CA THR B 11 3.82 -8.24 -19.96
C THR B 11 2.50 -8.99 -19.97
N PHE B 12 2.56 -10.26 -19.56
CA PHE B 12 1.39 -11.09 -19.50
C PHE B 12 1.00 -11.30 -18.04
N LEU B 13 -0.25 -11.04 -17.73
CA LEU B 13 -0.76 -11.20 -16.38
C LEU B 13 -2.02 -12.03 -16.48
N ALA B 14 -2.25 -12.85 -15.47
CA ALA B 14 -3.45 -13.68 -15.46
C ALA B 14 -4.05 -13.74 -14.07
N VAL B 15 -5.34 -13.44 -13.93
CA VAL B 15 -5.93 -13.60 -12.62
C VAL B 15 -6.23 -15.10 -12.56
N LYS B 16 -5.59 -15.80 -11.64
CA LYS B 16 -5.76 -17.24 -11.51
C LYS B 16 -7.19 -17.58 -11.03
N PRO B 17 -7.56 -18.87 -11.07
CA PRO B 17 -8.91 -19.28 -10.66
C PRO B 17 -9.35 -18.76 -9.30
N ASP B 18 -8.45 -18.83 -8.32
CA ASP B 18 -8.77 -18.34 -6.98
C ASP B 18 -9.04 -16.84 -6.98
N GLY B 19 -8.30 -16.07 -7.77
CA GLY B 19 -8.50 -14.65 -7.84
C GLY B 19 -9.85 -14.36 -8.46
N VAL B 20 -10.22 -15.13 -9.46
CA VAL B 20 -11.50 -14.92 -10.13
C VAL B 20 -12.66 -15.30 -9.24
N ALA B 21 -12.58 -16.44 -8.54
CA ALA B 21 -13.67 -16.89 -7.65
C ALA B 21 -13.88 -15.99 -6.43
N ARG B 22 -12.82 -15.28 -6.03
CA ARG B 22 -12.87 -14.37 -4.89
C ARG B 22 -13.34 -12.97 -5.26
N GLY B 23 -13.62 -12.72 -6.54
CA GLY B 23 -14.09 -11.41 -6.94
C GLY B 23 -13.00 -10.34 -6.91
N LEU B 24 -11.82 -10.67 -7.40
CA LEU B 24 -10.68 -9.76 -7.41
C LEU B 24 -10.22 -9.29 -8.77
N VAL B 25 -10.93 -9.67 -9.83
CA VAL B 25 -10.56 -9.26 -11.19
C VAL B 25 -10.50 -7.73 -11.39
N GLY B 26 -11.56 -7.05 -11.05
CA GLY B 26 -11.63 -5.61 -11.20
C GLY B 26 -10.62 -4.85 -10.35
N GLU B 27 -10.46 -5.27 -9.10
CA GLU B 27 -9.49 -4.67 -8.17
C GLU B 27 -8.10 -4.78 -8.77
N ILE B 28 -7.76 -5.93 -9.31
CA ILE B 28 -6.44 -6.12 -9.92
C ILE B 28 -6.26 -5.26 -11.18
N ILE B 29 -7.23 -5.27 -12.09
CA ILE B 29 -7.12 -4.48 -13.31
C ILE B 29 -7.01 -2.98 -13.00
N ALA B 30 -7.77 -2.50 -12.02
CA ALA B 30 -7.73 -1.10 -11.62
C ALA B 30 -6.33 -0.65 -11.12
N ARG B 31 -5.60 -1.51 -10.43
CA ARG B 31 -4.27 -1.15 -9.95
C ARG B 31 -3.32 -0.84 -11.11
N TYR B 32 -3.42 -1.63 -12.17
CA TYR B 32 -2.59 -1.48 -13.35
C TYR B 32 -3.02 -0.27 -14.17
N GLU B 33 -4.32 -0.02 -14.26
CA GLU B 33 -4.84 1.16 -14.97
C GLU B 33 -4.43 2.44 -14.24
N LYS B 34 -4.54 2.45 -12.92
CA LYS B 34 -4.17 3.62 -12.16
C LYS B 34 -2.69 3.93 -12.26
N LYS B 35 -1.89 2.89 -12.42
CA LYS B 35 -0.46 3.00 -12.53
C LYS B 35 -0.12 3.65 -13.86
N GLY B 36 -1.02 3.51 -14.83
CA GLY B 36 -0.80 4.10 -16.13
C GLY B 36 -0.57 3.09 -17.25
N PHE B 37 -0.54 1.79 -16.95
CA PHE B 37 -0.33 0.82 -18.02
C PHE B 37 -1.59 0.71 -18.88
N VAL B 38 -1.42 0.40 -20.15
CA VAL B 38 -2.55 0.33 -21.06
C VAL B 38 -2.89 -1.12 -21.35
N LEU B 39 -4.17 -1.47 -21.27
CA LEU B 39 -4.64 -2.81 -21.54
C LEU B 39 -4.67 -3.05 -23.04
N VAL B 40 -3.89 -4.03 -23.50
CA VAL B 40 -3.86 -4.32 -24.91
C VAL B 40 -4.46 -5.66 -25.22
N GLY B 41 -4.72 -6.47 -24.20
CA GLY B 41 -5.33 -7.76 -24.43
C GLY B 41 -6.09 -8.16 -23.19
N LEU B 42 -7.26 -8.76 -23.35
CA LEU B 42 -8.06 -9.21 -22.19
C LEU B 42 -9.09 -10.26 -22.59
N LYS B 43 -9.18 -11.34 -21.82
CA LYS B 43 -10.19 -12.36 -22.05
C LYS B 43 -10.25 -13.31 -20.91
N GLN B 44 -11.41 -13.94 -20.75
CA GLN B 44 -11.57 -14.96 -19.72
C GLN B 44 -11.68 -16.30 -20.44
N LEU B 45 -11.00 -17.31 -19.93
CA LEU B 45 -11.08 -18.63 -20.53
C LEU B 45 -10.74 -19.62 -19.45
N VAL B 46 -11.15 -20.87 -19.63
CA VAL B 46 -10.77 -21.89 -18.67
C VAL B 46 -9.56 -22.52 -19.36
N PRO B 47 -8.38 -22.46 -18.75
CA PRO B 47 -7.24 -23.05 -19.44
C PRO B 47 -7.37 -24.54 -19.73
N THR B 48 -6.72 -24.92 -20.82
CA THR B 48 -6.66 -26.28 -21.28
C THR B 48 -5.39 -26.89 -20.64
N LYS B 49 -5.41 -28.17 -20.28
CA LYS B 49 -4.22 -28.80 -19.69
C LYS B 49 -2.93 -28.58 -20.53
N ASP B 50 -3.07 -28.52 -21.86
CA ASP B 50 -1.91 -28.28 -22.74
C ASP B 50 -1.38 -26.85 -22.54
N LEU B 51 -2.27 -25.86 -22.53
CA LEU B 51 -1.89 -24.46 -22.32
C LEU B 51 -1.16 -24.30 -20.98
N ALA B 52 -1.73 -24.88 -19.94
CA ALA B 52 -1.15 -24.80 -18.61
C ALA B 52 0.24 -25.36 -18.50
N GLU B 53 0.48 -26.50 -19.14
CA GLU B 53 1.79 -27.19 -19.12
C GLU B 53 2.86 -26.46 -19.90
N SER B 54 2.52 -25.93 -21.06
CA SER B 54 3.52 -25.18 -21.77
C SER B 54 3.71 -23.83 -21.07
N HIS B 55 2.65 -23.27 -20.47
CA HIS B 55 2.79 -21.98 -19.75
C HIS B 55 3.77 -22.09 -18.58
N TYR B 56 3.60 -23.15 -17.79
CA TYR B 56 4.47 -23.41 -16.65
C TYR B 56 5.54 -24.46 -16.97
N ALA B 57 5.88 -24.57 -18.25
CA ALA B 57 6.89 -25.54 -18.72
C ALA B 57 8.21 -25.55 -17.93
N GLU B 58 8.69 -24.39 -17.48
CA GLU B 58 9.95 -24.35 -16.76
C GLU B 58 9.89 -25.09 -15.43
N HIS B 59 8.70 -25.38 -14.93
CA HIS B 59 8.58 -26.06 -13.64
C HIS B 59 8.24 -27.57 -13.80
N LYS B 60 8.21 -28.06 -15.03
CA LYS B 60 7.82 -29.46 -15.31
C LYS B 60 8.50 -30.54 -14.50
N GLU B 61 9.71 -30.28 -14.02
CA GLU B 61 10.46 -31.26 -13.24
C GLU B 61 10.39 -30.98 -11.73
N ARG B 62 9.52 -30.05 -11.33
CA ARG B 62 9.37 -29.64 -9.94
C ARG B 62 8.24 -30.40 -9.21
N PRO B 63 8.38 -30.60 -7.89
CA PRO B 63 7.36 -31.32 -7.11
C PRO B 63 5.89 -30.83 -7.15
N PHE B 64 5.70 -29.50 -7.17
CA PHE B 64 4.40 -28.82 -7.19
C PHE B 64 3.72 -28.70 -8.56
N PHE B 65 4.44 -29.10 -9.62
CA PHE B 65 3.96 -28.99 -10.98
C PHE B 65 2.58 -29.60 -11.22
N GLY B 66 2.37 -30.82 -10.75
CA GLY B 66 1.07 -31.49 -10.94
C GLY B 66 -0.11 -30.74 -10.36
N GLY B 67 0.01 -30.30 -9.12
CA GLY B 67 -1.07 -29.56 -8.46
C GLY B 67 -1.35 -28.20 -9.09
N LEU B 68 -0.31 -27.55 -9.60
CA LEU B 68 -0.36 -26.26 -10.24
C LEU B 68 -1.15 -26.34 -11.52
N VAL B 69 -0.77 -27.29 -12.37
CA VAL B 69 -1.46 -27.47 -13.64
C VAL B 69 -2.90 -27.88 -13.36
N SER B 70 -3.08 -28.67 -12.33
CA SER B 70 -4.38 -29.16 -11.93
C SER B 70 -5.23 -27.95 -11.52
N PHE B 71 -4.66 -27.12 -10.68
CA PHE B 71 -5.34 -25.93 -10.18
C PHE B 71 -5.65 -24.90 -11.29
N ILE B 72 -4.65 -24.52 -12.07
CA ILE B 72 -4.84 -23.53 -13.10
C ILE B 72 -5.94 -23.94 -14.09
N THR B 73 -6.14 -25.24 -14.27
CA THR B 73 -7.14 -25.72 -15.20
C THR B 73 -8.50 -25.98 -14.56
N SER B 74 -8.63 -25.75 -13.25
CA SER B 74 -9.87 -26.03 -12.54
C SER B 74 -10.99 -25.01 -12.61
N GLY B 75 -10.73 -23.84 -13.18
CA GLY B 75 -11.76 -22.83 -13.23
C GLY B 75 -11.33 -21.74 -14.15
N PRO B 76 -12.17 -20.72 -14.42
CA PRO B 76 -11.80 -19.61 -15.32
C PRO B 76 -10.64 -18.77 -14.84
N VAL B 77 -9.91 -18.23 -15.81
CA VAL B 77 -8.74 -17.41 -15.60
C VAL B 77 -8.97 -16.16 -16.44
N VAL B 78 -8.62 -14.97 -15.94
CA VAL B 78 -8.74 -13.81 -16.80
C VAL B 78 -7.33 -13.48 -17.21
N ALA B 79 -7.09 -13.55 -18.51
CA ALA B 79 -5.79 -13.31 -19.09
C ALA B 79 -5.71 -11.89 -19.66
N MET B 80 -4.58 -11.25 -19.42
CA MET B 80 -4.39 -9.90 -19.91
C MET B 80 -2.95 -9.50 -20.26
N VAL B 81 -2.82 -8.52 -21.14
CA VAL B 81 -1.51 -8.08 -21.48
C VAL B 81 -1.55 -6.58 -21.32
N PHE B 82 -0.61 -6.07 -20.53
CA PHE B 82 -0.49 -4.65 -20.27
C PHE B 82 0.77 -4.10 -20.95
N GLU B 83 0.67 -2.88 -21.47
CA GLU B 83 1.76 -2.23 -22.16
C GLU B 83 2.25 -0.92 -21.49
N GLY B 84 3.57 -0.81 -21.35
CA GLY B 84 4.13 0.42 -20.79
C GLY B 84 5.61 0.36 -20.53
N LYS B 85 6.17 1.49 -20.12
CA LYS B 85 7.58 1.52 -19.84
C LYS B 85 7.86 0.69 -18.63
N GLY B 86 8.79 -0.26 -18.79
CA GLY B 86 9.18 -1.13 -17.70
C GLY B 86 8.06 -1.91 -17.03
N VAL B 87 7.02 -2.26 -17.78
CA VAL B 87 5.87 -2.99 -17.25
C VAL B 87 6.15 -4.42 -16.71
N VAL B 88 7.10 -5.15 -17.29
CA VAL B 88 7.40 -6.48 -16.78
C VAL B 88 7.91 -6.43 -15.34
N ALA B 89 8.96 -5.67 -15.05
CA ALA B 89 9.48 -5.61 -13.69
C ALA B 89 8.54 -4.89 -12.76
N SER B 90 7.84 -3.88 -13.29
CA SER B 90 6.91 -3.12 -12.45
C SER B 90 5.72 -3.97 -12.00
N ALA B 91 5.11 -4.70 -12.94
CA ALA B 91 3.97 -5.54 -12.60
C ALA B 91 4.39 -6.58 -11.56
N ARG B 92 5.64 -7.08 -11.61
CA ARG B 92 6.12 -8.02 -10.61
C ARG B 92 6.20 -7.39 -9.25
N LEU B 93 6.72 -6.16 -9.21
CA LEU B 93 6.85 -5.42 -7.95
C LEU B 93 5.46 -5.23 -7.37
N MET B 94 4.49 -4.93 -8.23
CA MET B 94 3.12 -4.75 -7.80
C MET B 94 2.48 -6.05 -7.36
N ILE B 95 2.94 -7.17 -7.87
CA ILE B 95 2.41 -8.45 -7.50
C ILE B 95 2.95 -8.92 -6.14
N GLY B 96 4.24 -8.78 -5.89
CA GLY B 96 4.75 -9.24 -4.62
C GLY B 96 5.66 -10.42 -4.89
N VAL B 97 5.88 -11.30 -3.91
CA VAL B 97 6.75 -12.47 -4.11
C VAL B 97 5.92 -13.73 -4.18
N THR B 98 6.52 -14.87 -4.48
CA THR B 98 5.78 -16.13 -4.62
C THR B 98 4.84 -16.49 -3.48
N ASN B 99 5.34 -16.39 -2.26
CA ASN B 99 4.56 -16.66 -1.05
C ASN B 99 3.88 -15.34 -0.66
N PRO B 100 2.53 -15.28 -0.70
CA PRO B 100 1.79 -14.06 -0.34
C PRO B 100 2.06 -13.62 1.10
N LEU B 101 2.40 -14.56 1.99
CA LEU B 101 2.68 -14.19 3.39
C LEU B 101 3.91 -13.29 3.53
N ALA B 102 4.85 -13.43 2.59
CA ALA B 102 6.08 -12.65 2.57
C ALA B 102 5.94 -11.39 1.73
N SER B 103 4.85 -11.27 1.00
CA SER B 103 4.60 -10.12 0.15
C SER B 103 4.19 -8.89 1.01
N ALA B 104 4.75 -7.74 0.70
CA ALA B 104 4.48 -6.54 1.46
C ALA B 104 3.09 -5.97 1.27
N PRO B 105 2.52 -5.36 2.33
CA PRO B 105 1.19 -4.80 2.12
C PRO B 105 1.32 -3.72 1.03
N GLY B 106 0.31 -3.60 0.20
CA GLY B 106 0.37 -2.65 -0.90
C GLY B 106 0.49 -3.42 -2.19
N SER B 107 1.12 -4.61 -2.15
CA SER B 107 1.21 -5.45 -3.35
C SER B 107 -0.05 -6.34 -3.44
N ILE B 108 -0.29 -6.96 -4.59
CA ILE B 108 -1.48 -7.79 -4.75
C ILE B 108 -1.48 -9.05 -3.85
N ARG B 109 -0.41 -9.83 -3.88
CA ARG B 109 -0.37 -11.01 -3.04
C ARG B 109 -0.34 -10.63 -1.57
N GLY B 110 0.35 -9.54 -1.24
CA GLY B 110 0.43 -9.14 0.15
C GLY B 110 -0.91 -8.73 0.73
N ASP B 111 -1.73 -8.11 -0.11
CA ASP B 111 -3.02 -7.64 0.34
C ASP B 111 -4.07 -8.68 0.33
N PHE B 112 -3.98 -9.67 -0.55
CA PHE B 112 -5.06 -10.64 -0.65
C PHE B 112 -4.77 -12.10 -0.45
N GLY B 113 -3.48 -12.45 -0.39
CA GLY B 113 -3.14 -13.85 -0.33
C GLY B 113 -2.56 -14.40 0.94
N VAL B 114 -2.66 -15.70 1.04
CA VAL B 114 -2.23 -16.36 2.24
C VAL B 114 -1.49 -17.69 1.99
N ASP B 115 -1.61 -18.24 0.79
CA ASP B 115 -1.00 -19.53 0.52
C ASP B 115 -0.24 -19.49 -0.78
N VAL B 116 0.90 -20.14 -0.85
CA VAL B 116 1.70 -20.15 -2.08
C VAL B 116 0.93 -20.75 -3.27
N GLY B 117 0.08 -21.74 -3.01
CA GLY B 117 -0.65 -22.38 -4.10
C GLY B 117 -1.91 -21.69 -4.55
N ARG B 118 -2.35 -20.71 -3.76
CA ARG B 118 -3.56 -19.90 -4.05
C ARG B 118 -3.05 -18.45 -3.95
N ASN B 119 -2.19 -18.06 -4.89
CA ASN B 119 -1.62 -16.74 -4.84
C ASN B 119 -2.14 -15.75 -5.83
N ILE B 120 -3.42 -15.90 -6.16
CA ILE B 120 -4.20 -14.95 -6.95
C ILE B 120 -3.85 -14.59 -8.36
N ILE B 121 -2.58 -14.34 -8.62
CA ILE B 121 -2.21 -13.86 -9.93
C ILE B 121 -0.82 -14.31 -10.38
N HIS B 122 -0.66 -14.43 -11.69
CA HIS B 122 0.60 -14.80 -12.32
C HIS B 122 1.06 -13.57 -13.08
N GLY B 123 2.38 -13.36 -13.10
CA GLY B 123 2.95 -12.28 -13.90
C GLY B 123 4.25 -12.74 -14.57
N SER B 124 4.49 -12.37 -15.83
CA SER B 124 5.76 -12.73 -16.54
C SER B 124 6.96 -12.18 -15.76
N ASP B 125 8.02 -12.97 -15.62
CA ASP B 125 9.16 -12.50 -14.85
C ASP B 125 10.27 -11.87 -15.66
N SER B 126 10.12 -11.78 -16.97
CA SER B 126 11.13 -11.14 -17.78
C SER B 126 10.52 -10.88 -19.12
N VAL B 127 11.18 -10.06 -19.93
CA VAL B 127 10.62 -9.75 -21.22
C VAL B 127 10.56 -10.98 -22.11
N GLU B 128 11.53 -11.89 -21.98
CA GLU B 128 11.55 -13.14 -22.78
C GLU B 128 10.32 -13.98 -22.45
N SER B 129 10.09 -14.19 -21.16
CA SER B 129 8.93 -14.92 -20.69
C SER B 129 7.63 -14.26 -21.12
N ALA B 130 7.58 -12.92 -21.02
CA ALA B 130 6.39 -12.21 -21.41
C ALA B 130 6.10 -12.43 -22.89
N ASN B 131 7.10 -12.27 -23.74
CA ASN B 131 6.87 -12.45 -25.17
C ASN B 131 6.42 -13.85 -25.51
N ARG B 132 6.99 -14.78 -24.78
CA ARG B 132 6.71 -16.18 -24.91
C ARG B 132 5.28 -16.42 -24.42
N GLU B 133 4.96 -15.93 -23.23
CA GLU B 133 3.64 -16.14 -22.66
C GLU B 133 2.50 -15.41 -23.38
N ILE B 134 2.75 -14.21 -23.88
CA ILE B 134 1.74 -13.47 -24.60
C ILE B 134 1.34 -14.26 -25.87
N ALA B 135 2.35 -14.76 -26.58
CA ALA B 135 2.19 -15.52 -27.82
C ALA B 135 1.42 -16.82 -27.57
N LEU B 136 1.59 -17.37 -26.38
CA LEU B 136 0.95 -18.60 -25.93
C LEU B 136 -0.56 -18.46 -25.70
N TRP B 137 -0.96 -17.37 -25.04
CA TRP B 137 -2.35 -17.15 -24.69
C TRP B 137 -3.17 -16.31 -25.62
N PHE B 138 -2.53 -15.46 -26.41
CA PHE B 138 -3.23 -14.55 -27.31
C PHE B 138 -2.85 -14.65 -28.79
N LYS B 139 -3.85 -14.52 -29.65
CA LYS B 139 -3.67 -14.55 -31.11
C LYS B 139 -3.34 -13.11 -31.43
N PRO B 140 -2.57 -12.83 -32.52
CA PRO B 140 -2.23 -11.44 -32.86
C PRO B 140 -3.42 -10.46 -33.06
N GLU B 141 -4.56 -10.98 -33.48
CA GLU B 141 -5.76 -10.16 -33.70
C GLU B 141 -6.52 -9.79 -32.43
N GLU B 142 -6.16 -10.39 -31.30
CA GLU B 142 -6.79 -10.09 -30.00
C GLU B 142 -5.97 -9.01 -29.25
N LEU B 143 -4.88 -8.53 -29.86
CA LEU B 143 -4.02 -7.53 -29.25
C LEU B 143 -4.11 -6.22 -29.98
N LEU B 144 -4.23 -5.13 -29.24
CA LEU B 144 -4.30 -3.81 -29.84
C LEU B 144 -2.96 -3.60 -30.52
N THR B 145 -2.99 -3.03 -31.71
CA THR B 145 -1.77 -2.75 -32.45
C THR B 145 -1.22 -1.37 -32.06
N GLU B 146 -2.08 -0.37 -32.18
CA GLU B 146 -1.72 1.01 -31.84
C GLU B 146 -2.22 1.35 -30.43
N VAL B 147 -1.31 1.58 -29.49
CA VAL B 147 -1.74 1.94 -28.16
C VAL B 147 -1.55 3.44 -28.00
N LYS B 148 -2.51 4.07 -27.34
CA LYS B 148 -2.42 5.51 -27.07
C LYS B 148 -2.69 5.70 -25.57
N PRO B 149 -1.62 5.84 -24.77
CA PRO B 149 -1.75 6.03 -23.32
C PRO B 149 -2.21 7.45 -22.95
N ASN B 150 -2.32 7.71 -21.64
CA ASN B 150 -2.69 9.03 -21.16
C ASN B 150 -1.46 9.85 -21.52
N PRO B 151 -1.63 10.96 -22.24
CA PRO B 151 -0.54 11.85 -22.67
C PRO B 151 0.24 12.50 -21.53
N ASN B 152 -0.34 12.43 -20.34
CA ASN B 152 0.27 12.99 -19.17
C ASN B 152 1.17 11.97 -18.50
N LEU B 153 1.30 10.78 -19.10
CA LEU B 153 2.12 9.72 -18.52
C LEU B 153 3.60 9.71 -18.88
N TYR B 154 3.91 10.09 -20.11
CA TYR B 154 5.27 10.06 -20.61
C TYR B 154 5.79 11.38 -21.10
N GLU B 155 7.06 11.58 -20.81
CA GLU B 155 7.79 12.78 -21.20
C GLU B 155 8.23 12.55 -22.63
N VAL C 6 -1.59 -27.45 11.58
CA VAL C 6 -2.45 -27.01 10.44
C VAL C 6 -2.65 -25.47 10.52
N ASN C 7 -3.14 -24.85 9.44
CA ASN C 7 -3.37 -23.39 9.34
C ASN C 7 -4.53 -22.82 10.19
N LYS C 8 -4.44 -23.08 11.48
CA LYS C 8 -5.42 -22.65 12.47
C LYS C 8 -4.72 -21.72 13.47
N GLU C 9 -3.54 -21.22 13.11
CA GLU C 9 -2.77 -20.30 13.95
C GLU C 9 -3.65 -19.09 14.25
N ARG C 10 -3.52 -18.51 15.44
CA ARG C 10 -4.30 -17.34 15.83
C ARG C 10 -3.45 -16.23 16.38
N THR C 11 -3.90 -15.02 16.16
CA THR C 11 -3.22 -13.90 16.71
C THR C 11 -4.28 -12.98 17.35
N PHE C 12 -3.86 -12.24 18.35
CA PHE C 12 -4.73 -11.33 19.04
C PHE C 12 -4.41 -9.96 18.53
N LEU C 13 -5.41 -9.16 18.22
CA LEU C 13 -5.18 -7.80 17.76
C LEU C 13 -6.17 -6.92 18.53
N ALA C 14 -5.75 -5.68 18.77
CA ALA C 14 -6.59 -4.73 19.47
C ALA C 14 -6.48 -3.36 18.82
N VAL C 15 -7.61 -2.78 18.47
CA VAL C 15 -7.60 -1.44 17.91
C VAL C 15 -7.56 -0.60 19.19
N LYS C 16 -6.51 0.20 19.37
CA LYS C 16 -6.35 1.00 20.59
C LYS C 16 -7.35 2.18 20.68
N PRO C 17 -7.49 2.82 21.86
CA PRO C 17 -8.44 3.92 21.98
C PRO C 17 -8.35 5.02 20.93
N ASP C 18 -7.13 5.33 20.46
CA ASP C 18 -6.96 6.37 19.45
C ASP C 18 -7.50 5.86 18.10
N GLY C 19 -7.25 4.58 17.80
CA GLY C 19 -7.77 3.98 16.58
C GLY C 19 -9.30 3.98 16.61
N VAL C 20 -9.88 3.60 17.73
CA VAL C 20 -11.33 3.58 17.91
C VAL C 20 -11.92 5.02 17.82
N ALA C 21 -11.26 5.97 18.47
CA ALA C 21 -11.72 7.37 18.45
C ALA C 21 -11.64 8.02 17.07
N ARG C 22 -10.66 7.61 16.26
CA ARG C 22 -10.52 8.21 14.95
C ARG C 22 -11.39 7.55 13.89
N GLY C 23 -12.17 6.54 14.28
CA GLY C 23 -13.05 5.83 13.33
C GLY C 23 -12.34 4.93 12.32
N LEU C 24 -11.43 4.11 12.82
CA LEU C 24 -10.62 3.23 12.00
C LEU C 24 -10.87 1.74 12.24
N VAL C 25 -11.83 1.41 13.09
CA VAL C 25 -12.11 0.03 13.39
C VAL C 25 -12.48 -0.76 12.13
N GLY C 26 -13.42 -0.24 11.35
CA GLY C 26 -13.86 -0.94 10.16
C GLY C 26 -12.77 -1.08 9.13
N GLU C 27 -12.05 0.01 8.89
CA GLU C 27 -10.95 0.00 7.94
C GLU C 27 -9.91 -1.06 8.33
N ILE C 28 -9.59 -1.16 9.61
CA ILE C 28 -8.62 -2.14 10.07
C ILE C 28 -9.12 -3.56 9.91
N ILE C 29 -10.36 -3.82 10.30
CA ILE C 29 -10.93 -5.17 10.14
C ILE C 29 -10.96 -5.60 8.67
N ALA C 30 -11.32 -4.67 7.80
CA ALA C 30 -11.41 -4.95 6.37
C ALA C 30 -10.07 -5.39 5.76
N ARG C 31 -8.96 -4.81 6.22
CA ARG C 31 -7.68 -5.22 5.71
C ARG C 31 -7.38 -6.70 6.00
N TYR C 32 -7.73 -7.17 7.20
CA TYR C 32 -7.54 -8.58 7.60
C TYR C 32 -8.55 -9.51 6.92
N GLU C 33 -9.77 -9.02 6.67
CA GLU C 33 -10.77 -9.81 5.93
C GLU C 33 -10.40 -10.02 4.44
N LYS C 34 -9.86 -8.98 3.79
CA LYS C 34 -9.43 -9.02 2.39
C LYS C 34 -8.28 -9.99 2.20
N LYS C 35 -7.44 -10.05 3.23
CA LYS C 35 -6.29 -10.93 3.27
C LYS C 35 -6.72 -12.41 3.34
N GLY C 36 -7.89 -12.67 3.91
CA GLY C 36 -8.38 -14.04 3.98
C GLY C 36 -8.42 -14.63 5.38
N PHE C 37 -7.99 -13.85 6.37
CA PHE C 37 -8.00 -14.33 7.73
C PHE C 37 -9.44 -14.30 8.25
N VAL C 38 -9.75 -15.20 9.18
CA VAL C 38 -11.10 -15.34 9.71
C VAL C 38 -11.23 -14.84 11.10
N LEU C 39 -12.22 -13.99 11.33
CA LEU C 39 -12.47 -13.46 12.65
C LEU C 39 -13.07 -14.58 13.53
N VAL C 40 -12.38 -14.94 14.60
CA VAL C 40 -12.87 -15.95 15.51
C VAL C 40 -13.28 -15.39 16.92
N GLY C 41 -13.00 -14.12 17.18
CA GLY C 41 -13.42 -13.55 18.43
C GLY C 41 -13.47 -12.07 18.15
N LEU C 42 -14.43 -11.34 18.72
CA LEU C 42 -14.45 -9.89 18.50
C LEU C 42 -15.30 -9.22 19.56
N LYS C 43 -14.78 -8.16 20.17
CA LYS C 43 -15.57 -7.44 21.15
C LYS C 43 -14.99 -6.07 21.45
N GLN C 44 -15.87 -5.16 21.86
CA GLN C 44 -15.44 -3.85 22.25
C GLN C 44 -15.62 -3.80 23.78
N LEU C 45 -14.65 -3.20 24.47
CA LEU C 45 -14.66 -3.06 25.90
C LEU C 45 -13.73 -1.91 26.31
N VAL C 46 -13.81 -1.47 27.56
CA VAL C 46 -12.91 -0.46 28.11
C VAL C 46 -11.93 -1.29 29.01
N PRO C 47 -10.64 -1.45 28.61
CA PRO C 47 -9.71 -2.24 29.44
C PRO C 47 -9.59 -1.77 30.88
N THR C 48 -9.42 -2.74 31.75
CA THR C 48 -9.23 -2.52 33.17
C THR C 48 -7.70 -2.37 33.38
N LYS C 49 -7.29 -1.64 34.40
CA LYS C 49 -5.86 -1.46 34.70
C LYS C 49 -5.18 -2.83 34.87
N ASP C 50 -5.87 -3.77 35.52
CA ASP C 50 -5.36 -5.12 35.75
C ASP C 50 -5.04 -5.75 34.40
N LEU C 51 -6.00 -5.66 33.47
CA LEU C 51 -5.86 -6.23 32.14
C LEU C 51 -4.75 -5.53 31.31
N ALA C 52 -4.75 -4.21 31.31
CA ALA C 52 -3.75 -3.45 30.57
C ALA C 52 -2.36 -3.78 31.11
N GLU C 53 -2.23 -3.86 32.42
CA GLU C 53 -0.96 -4.20 33.03
C GLU C 53 -0.46 -5.59 32.72
N SER C 54 -1.33 -6.59 32.63
CA SER C 54 -0.85 -7.95 32.31
C SER C 54 -0.57 -8.04 30.84
N HIS C 55 -1.40 -7.35 30.07
CA HIS C 55 -1.23 -7.33 28.63
C HIS C 55 0.17 -6.87 28.27
N TYR C 56 0.54 -5.69 28.76
CA TYR C 56 1.85 -5.09 28.50
C TYR C 56 2.89 -5.42 29.61
N ALA C 57 2.76 -6.61 30.18
CA ALA C 57 3.62 -7.05 31.27
C ALA C 57 5.11 -6.93 31.01
N GLU C 58 5.55 -7.24 29.79
CA GLU C 58 6.97 -7.21 29.47
C GLU C 58 7.59 -5.83 29.46
N HIS C 59 6.75 -4.81 29.64
CA HIS C 59 7.20 -3.43 29.63
C HIS C 59 7.17 -2.67 30.94
N LYS C 60 6.86 -3.33 32.06
CA LYS C 60 6.79 -2.61 33.35
C LYS C 60 8.01 -1.80 33.79
N GLU C 61 9.21 -2.23 33.41
CA GLU C 61 10.47 -1.52 33.78
C GLU C 61 10.79 -0.36 32.83
N ARG C 62 9.99 -0.20 31.79
CA ARG C 62 10.21 0.85 30.80
C ARG C 62 9.59 2.16 31.24
N PRO C 63 10.20 3.29 30.87
CA PRO C 63 9.64 4.59 31.26
C PRO C 63 8.23 4.95 30.74
N PHE C 64 7.83 4.36 29.61
CA PHE C 64 6.50 4.59 28.96
C PHE C 64 5.36 3.71 29.50
N PHE C 65 5.69 2.70 30.30
CA PHE C 65 4.70 1.78 30.82
C PHE C 65 3.54 2.46 31.50
N GLY C 66 3.84 3.41 32.38
CA GLY C 66 2.80 4.14 33.08
C GLY C 66 1.86 4.83 32.12
N GLY C 67 2.43 5.53 31.14
CA GLY C 67 1.60 6.22 30.16
C GLY C 67 0.83 5.26 29.26
N LEU C 68 1.48 4.15 28.93
CA LEU C 68 0.89 3.15 28.07
C LEU C 68 -0.40 2.61 28.68
N VAL C 69 -0.31 2.15 29.93
CA VAL C 69 -1.43 1.59 30.70
C VAL C 69 -2.60 2.59 30.89
N SER C 70 -2.28 3.84 31.21
CA SER C 70 -3.30 4.85 31.39
C SER C 70 -4.03 5.14 30.10
N PHE C 71 -3.31 5.04 29.00
CA PHE C 71 -3.92 5.30 27.72
C PHE C 71 -4.85 4.16 27.27
N ILE C 72 -4.37 2.93 27.35
CA ILE C 72 -5.15 1.76 26.93
C ILE C 72 -6.42 1.60 27.78
N THR C 73 -6.41 2.12 28.99
CA THR C 73 -7.59 2.01 29.87
C THR C 73 -8.43 3.31 29.85
N SER C 74 -8.08 4.23 28.96
CA SER C 74 -8.74 5.52 28.82
C SER C 74 -9.97 5.57 27.95
N GLY C 75 -10.24 4.49 27.24
CA GLY C 75 -11.41 4.47 26.39
C GLY C 75 -11.62 3.11 25.79
N PRO C 76 -12.64 2.96 24.93
CA PRO C 76 -12.96 1.70 24.25
C PRO C 76 -11.77 1.20 23.42
N VAL C 77 -11.71 -0.13 23.30
CA VAL C 77 -10.70 -0.83 22.57
C VAL C 77 -11.49 -1.92 21.87
N VAL C 78 -11.25 -2.17 20.59
CA VAL C 78 -11.94 -3.30 20.02
C VAL C 78 -10.91 -4.42 19.91
N ALA C 79 -11.20 -5.52 20.60
CA ALA C 79 -10.35 -6.69 20.66
C ALA C 79 -10.82 -7.75 19.69
N MET C 80 -9.87 -8.43 19.06
CA MET C 80 -10.21 -9.45 18.10
C MET C 80 -9.12 -10.48 17.90
N VAL C 81 -9.54 -11.67 17.48
CA VAL C 81 -8.62 -12.73 17.16
C VAL C 81 -8.94 -13.28 15.77
N PHE C 82 -7.88 -13.25 14.98
CA PHE C 82 -7.93 -13.73 13.61
C PHE C 82 -7.23 -15.06 13.54
N GLU C 83 -7.69 -15.91 12.63
CA GLU C 83 -7.11 -17.21 12.45
C GLU C 83 -6.74 -17.44 10.98
N GLY C 84 -5.58 -18.04 10.75
CA GLY C 84 -5.19 -18.33 9.41
C GLY C 84 -3.74 -18.74 9.38
N LYS C 85 -3.32 -19.26 8.24
CA LYS C 85 -1.93 -19.66 8.06
C LYS C 85 -1.01 -18.44 8.27
N GLY C 86 -0.04 -18.59 9.20
CA GLY C 86 0.96 -17.56 9.50
C GLY C 86 0.40 -16.22 9.86
N VAL C 87 -0.76 -16.21 10.48
CA VAL C 87 -1.40 -14.97 10.83
C VAL C 87 -0.61 -14.07 11.75
N VAL C 88 0.06 -14.67 12.73
CA VAL C 88 0.85 -13.85 13.66
C VAL C 88 1.89 -12.93 12.98
N ALA C 89 2.79 -13.54 12.21
CA ALA C 89 3.82 -12.76 11.55
C ALA C 89 3.21 -11.89 10.48
N SER C 90 2.22 -12.41 9.77
CA SER C 90 1.59 -11.63 8.71
C SER C 90 0.92 -10.37 9.23
N ALA C 91 0.14 -10.51 10.31
CA ALA C 91 -0.58 -9.36 10.86
C ALA C 91 0.37 -8.32 11.34
N ARG C 92 1.58 -8.75 11.74
CA ARG C 92 2.63 -7.82 12.18
C ARG C 92 3.19 -7.01 10.99
N LEU C 93 3.37 -7.72 9.87
CA LEU C 93 3.85 -7.12 8.65
C LEU C 93 2.80 -6.09 8.18
N MET C 94 1.54 -6.43 8.33
CA MET C 94 0.46 -5.51 7.97
C MET C 94 0.33 -4.31 8.88
N ILE C 95 0.74 -4.47 10.14
CA ILE C 95 0.66 -3.40 11.11
C ILE C 95 1.76 -2.37 10.85
N GLY C 96 2.96 -2.85 10.61
CA GLY C 96 4.07 -1.95 10.38
C GLY C 96 5.05 -2.18 11.49
N VAL C 97 5.66 -1.11 11.98
CA VAL C 97 6.59 -1.21 13.07
C VAL C 97 6.10 -0.30 14.19
N THR C 98 6.80 -0.31 15.32
CA THR C 98 6.40 0.50 16.47
C THR C 98 6.28 1.99 16.19
N ASN C 99 7.27 2.57 15.54
CA ASN C 99 7.19 3.98 15.22
C ASN C 99 6.39 4.08 13.91
N PRO C 100 5.19 4.69 13.96
CA PRO C 100 4.37 4.83 12.76
C PRO C 100 5.11 5.61 11.66
N LEU C 101 5.91 6.61 12.02
CA LEU C 101 6.61 7.38 11.00
C LEU C 101 7.60 6.53 10.18
N ALA C 102 8.06 5.42 10.75
CA ALA C 102 9.00 4.57 10.05
C ALA C 102 8.29 3.41 9.38
N SER C 103 6.98 3.30 9.57
CA SER C 103 6.22 2.21 8.98
C SER C 103 5.99 2.53 7.53
N ALA C 104 6.11 1.52 6.69
CA ALA C 104 6.00 1.74 5.28
C ALA C 104 4.56 2.03 4.83
N PRO C 105 4.42 2.86 3.80
CA PRO C 105 3.07 3.14 3.32
C PRO C 105 2.48 1.78 2.86
N GLY C 106 1.23 1.52 3.25
CA GLY C 106 0.56 0.26 2.94
C GLY C 106 0.27 -0.52 4.23
N SER C 107 1.05 -0.27 5.28
CA SER C 107 0.86 -0.92 6.58
C SER C 107 -0.10 -0.01 7.33
N ILE C 108 -0.75 -0.53 8.36
CA ILE C 108 -1.71 0.25 9.14
C ILE C 108 -1.08 1.41 9.84
N ARG C 109 0.01 1.18 10.54
CA ARG C 109 0.64 2.31 11.21
C ARG C 109 1.24 3.28 10.23
N GLY C 110 1.73 2.79 9.10
CA GLY C 110 2.34 3.67 8.13
C GLY C 110 1.33 4.60 7.47
N ASP C 111 0.12 4.09 7.29
CA ASP C 111 -0.95 4.85 6.66
C ASP C 111 -1.68 5.82 7.56
N PHE C 112 -1.75 5.52 8.85
CA PHE C 112 -2.57 6.31 9.75
C PHE C 112 -1.99 6.95 10.97
N GLY C 113 -0.73 6.62 11.28
CA GLY C 113 -0.14 7.14 12.49
C GLY C 113 1.07 8.00 12.35
N VAL C 114 1.31 8.81 13.38
CA VAL C 114 2.45 9.74 13.37
C VAL C 114 3.28 9.66 14.65
N ASP C 115 2.68 9.16 15.73
CA ASP C 115 3.35 9.11 17.02
C ASP C 115 3.42 7.72 17.60
N VAL C 116 4.53 7.38 18.27
CA VAL C 116 4.72 6.05 18.88
C VAL C 116 3.71 5.68 19.95
N GLY C 117 3.30 6.67 20.76
CA GLY C 117 2.35 6.41 21.81
C GLY C 117 0.94 6.42 21.30
N ARG C 118 0.71 6.88 20.08
CA ARG C 118 -0.66 6.86 19.49
C ARG C 118 -0.55 6.09 18.20
N ASN C 119 -0.26 4.80 18.33
CA ASN C 119 -0.04 4.02 17.15
C ASN C 119 -1.09 3.08 16.69
N ILE C 120 -2.34 3.46 17.00
CA ILE C 120 -3.54 2.80 16.50
C ILE C 120 -3.92 1.37 16.81
N ILE C 121 -2.98 0.46 16.74
CA ILE C 121 -3.29 -0.92 16.88
C ILE C 121 -2.17 -1.71 17.54
N HIS C 122 -2.53 -2.81 18.19
CA HIS C 122 -1.60 -3.73 18.81
C HIS C 122 -1.78 -5.08 18.11
N GLY C 123 -0.70 -5.84 17.97
CA GLY C 123 -0.74 -7.18 17.39
C GLY C 123 0.24 -8.07 18.15
N SER C 124 -0.11 -9.30 18.44
CA SER C 124 0.80 -10.19 19.12
C SER C 124 2.08 -10.33 18.30
N ASP C 125 3.23 -10.42 18.97
CA ASP C 125 4.49 -10.55 18.23
C ASP C 125 5.05 -11.96 18.02
N SER C 126 4.39 -12.98 18.55
CA SER C 126 4.82 -14.36 18.43
C SER C 126 3.62 -15.22 18.78
N VAL C 127 3.65 -16.50 18.41
CA VAL C 127 2.55 -17.41 18.72
C VAL C 127 2.38 -17.59 20.23
N GLU C 128 3.50 -17.54 20.93
CA GLU C 128 3.57 -17.65 22.40
C GLU C 128 2.86 -16.46 23.05
N SER C 129 3.19 -15.27 22.54
CA SER C 129 2.53 -14.06 23.03
C SER C 129 1.03 -14.07 22.63
N ALA C 130 0.71 -14.53 21.41
CA ALA C 130 -0.67 -14.61 20.96
C ALA C 130 -1.52 -15.52 21.84
N ASN C 131 -1.06 -16.73 22.12
CA ASN C 131 -1.81 -17.66 22.97
C ASN C 131 -2.02 -17.09 24.34
N ARG C 132 -0.99 -16.42 24.81
CA ARG C 132 -1.04 -15.79 26.09
C ARG C 132 -2.05 -14.61 26.06
N GLU C 133 -1.95 -13.72 25.07
CA GLU C 133 -2.85 -12.57 24.99
C GLU C 133 -4.28 -12.97 24.68
N ILE C 134 -4.48 -13.98 23.85
CA ILE C 134 -5.83 -14.41 23.52
C ILE C 134 -6.53 -14.87 24.79
N ALA C 135 -5.86 -15.69 25.60
CA ALA C 135 -6.43 -16.19 26.87
C ALA C 135 -6.66 -15.09 27.93
N LEU C 136 -5.95 -13.97 27.77
CA LEU C 136 -6.09 -12.83 28.65
C LEU C 136 -7.38 -12.05 28.37
N TRP C 137 -7.62 -11.71 27.10
CA TRP C 137 -8.78 -10.90 26.70
C TRP C 137 -10.10 -11.62 26.44
N PHE C 138 -10.03 -12.89 26.05
CA PHE C 138 -11.22 -13.65 25.70
C PHE C 138 -11.46 -14.93 26.50
N LYS C 139 -12.73 -15.21 26.85
CA LYS C 139 -13.04 -16.46 27.56
C LYS C 139 -13.14 -17.51 26.40
N PRO C 140 -12.89 -18.82 26.67
CA PRO C 140 -12.96 -19.86 25.62
C PRO C 140 -14.22 -19.96 24.74
N GLU C 141 -15.40 -19.78 25.36
CA GLU C 141 -16.70 -19.83 24.71
C GLU C 141 -17.06 -18.59 23.85
N GLU C 142 -16.17 -17.61 23.86
CA GLU C 142 -16.31 -16.38 23.07
C GLU C 142 -15.59 -16.52 21.72
N LEU C 143 -14.89 -17.63 21.56
CA LEU C 143 -14.16 -17.86 20.34
C LEU C 143 -14.84 -18.93 19.53
N LEU C 144 -14.90 -18.71 18.21
CA LEU C 144 -15.48 -19.67 17.29
C LEU C 144 -14.73 -21.01 17.36
N THR C 145 -15.47 -22.09 17.23
CA THR C 145 -14.93 -23.45 17.22
C THR C 145 -14.91 -24.05 15.81
N GLU C 146 -15.91 -23.69 14.99
CA GLU C 146 -15.99 -24.17 13.60
C GLU C 146 -15.53 -23.02 12.69
N VAL C 147 -14.33 -23.17 12.14
CA VAL C 147 -13.78 -22.16 11.26
C VAL C 147 -13.85 -22.62 9.84
N LYS C 148 -14.61 -21.87 9.08
CA LYS C 148 -14.80 -22.13 7.66
C LYS C 148 -14.27 -20.92 6.84
N PRO C 149 -12.98 -20.98 6.44
CA PRO C 149 -12.34 -19.91 5.65
C PRO C 149 -12.76 -20.05 4.18
N ASN C 150 -12.58 -19.01 3.37
CA ASN C 150 -12.91 -19.06 1.95
C ASN C 150 -12.19 -20.27 1.36
N PRO C 151 -12.93 -21.16 0.68
CA PRO C 151 -12.32 -22.36 0.10
C PRO C 151 -11.33 -22.13 -1.02
N ASN C 152 -11.29 -20.88 -1.48
CA ASN C 152 -10.37 -20.50 -2.52
C ASN C 152 -9.07 -20.02 -1.91
N LEU C 153 -9.00 -19.95 -0.60
CA LEU C 153 -7.79 -19.49 0.06
C LEU C 153 -6.67 -20.47 0.26
N TYR C 154 -7.01 -21.73 0.51
CA TYR C 154 -6.02 -22.75 0.78
C TYR C 154 -6.01 -23.94 -0.13
N GLU C 155 -4.82 -24.48 -0.30
CA GLU C 155 -4.61 -25.66 -1.11
C GLU C 155 -4.93 -26.89 -0.28
#